data_8IQU
#
_entry.id   8IQU
#
_cell.length_a   72.921
_cell.length_b   72.921
_cell.length_c   457.762
_cell.angle_alpha   90.00
_cell.angle_beta   90.00
_cell.angle_gamma   120.00
#
_symmetry.space_group_name_H-M   'P 61 2 2'
#
loop_
_entity.id
_entity.type
_entity.pdbx_description
1 polymer 'Fatty-acid-CoA ligase FadD23'
2 non-polymer "5'-O-[(11-phenoxyundecanoyl)sulfamoyl]adenosine"
3 water water
#
_entity_poly.entity_id   1
_entity_poly.type   'polypeptide(L)'
_entity_poly.pdbx_seq_one_letter_code
;MGSSHHHHHHSSGLVPRGSHMMVSLSIPSMLRQCVNLHPDGTAFTYIDYERDSEGISESLTWSQVYRRTLNVAAEVRRHA
AIGDRAVILAPQGLDYIVAFLGALQAGLIAVPLSAPLGGASDERVDAVVRDAKPNVVLTTSAIMGDVVPRVTPPPGIASP
PTVAVDQLDLDSPIRSNIVDDSLQTTAYLQYTSGSTRTPAGVMITYKNILANFQQMISAYFADTGAVPPLDLFIMSWLPF
YHDMGLVLGVCAPIIVGCGAVLTSPVAFLQRPARWLQLMAREGQAFSAAPNFAFELTAAKAIDDDLAGLDLGRIKTILCG
SERVHPATLKRFVDRFSRFNLREFAIRPAYGLAEATVYVATSQAGQPPEIRYFEPHELSAGQAKPCATGAGTALVSYPLP
QSPIVRIVDPNTNTECPPGTIGEIWVHGDNVAGGYWEKPDETERTFGGALVAPSAGTPVGPWLRTGDSGFVSEDKFFIIG
RIKDLLIVYGRNHSPDDIEATIQEITRGRCAAIAVPSNGVEKLVAIVELNNRGNLDTERLSFVTREVTSAISTSHGLSVS
DLVLVAPGSIPITTSGKVRRAECVKLYRHNEFTRLDAKPLQASDL
;
_entity_poly.pdbx_strand_id   A
#
loop_
_chem_comp.id
_chem_comp.type
_chem_comp.name
_chem_comp.formula
649 non-polymer 5'-O-[(11-phenoxyundecanoyl)sulfamoyl]adenosine 'C27 H38 N6 O8 S'
#
# COMPACT_ATOMS: atom_id res chain seq x y z
N LEU A 25 4.71 -0.77 -25.05
CA LEU A 25 4.71 0.67 -24.79
C LEU A 25 3.65 1.06 -23.74
N SER A 26 2.39 1.08 -24.12
CA SER A 26 1.32 1.52 -23.24
C SER A 26 0.49 0.34 -22.76
N ILE A 27 -0.31 0.58 -21.72
CA ILE A 27 -1.23 -0.44 -21.24
C ILE A 27 -2.27 -0.78 -22.29
N PRO A 28 -2.89 0.17 -23.01
CA PRO A 28 -3.80 -0.22 -24.10
C PRO A 28 -3.18 -1.15 -25.13
N SER A 29 -1.94 -0.87 -25.53
CA SER A 29 -1.28 -1.69 -26.56
C SER A 29 -0.94 -3.07 -26.02
N MET A 30 -0.58 -3.16 -24.74
CA MET A 30 -0.35 -4.46 -24.11
C MET A 30 -1.65 -5.26 -24.00
N LEU A 31 -2.77 -4.61 -23.66
CA LEU A 31 -4.05 -5.31 -23.62
C LEU A 31 -4.41 -5.84 -25.01
N ARG A 32 -4.15 -5.05 -26.05
CA ARG A 32 -4.43 -5.54 -27.40
C ARG A 32 -3.51 -6.71 -27.74
N GLN A 33 -2.32 -6.75 -27.14
CA GLN A 33 -1.46 -7.90 -27.39
C GLN A 33 -1.94 -9.13 -26.62
N CYS A 34 -2.45 -8.93 -25.40
CA CYS A 34 -3.09 -10.04 -24.68
C CYS A 34 -4.21 -10.64 -25.51
N VAL A 35 -5.01 -9.80 -26.14
CA VAL A 35 -6.09 -10.31 -26.98
C VAL A 35 -5.52 -11.08 -28.17
N ASN A 36 -4.42 -10.58 -28.74
CA ASN A 36 -3.85 -11.25 -29.91
C ASN A 36 -3.34 -12.64 -29.56
N LEU A 37 -2.59 -12.75 -28.47
CA LEU A 37 -1.95 -14.03 -28.16
C LEU A 37 -2.99 -15.05 -27.69
N HIS A 38 -3.81 -14.66 -26.72
CA HIS A 38 -4.69 -15.58 -25.99
C HIS A 38 -6.07 -14.95 -25.89
N PRO A 39 -6.82 -14.89 -26.98
CA PRO A 39 -8.14 -14.24 -26.95
C PRO A 39 -9.06 -14.78 -25.86
N ASP A 40 -9.08 -16.09 -25.65
CA ASP A 40 -10.06 -16.71 -24.78
C ASP A 40 -9.49 -17.08 -23.41
N GLY A 41 -8.25 -16.68 -23.12
CA GLY A 41 -7.70 -16.89 -21.80
C GLY A 41 -8.38 -15.99 -20.79
N THR A 42 -8.54 -16.51 -19.57
CA THR A 42 -9.22 -15.75 -18.53
C THR A 42 -8.32 -14.62 -18.04
N ALA A 43 -8.84 -13.39 -18.03
CA ALA A 43 -8.12 -12.20 -17.63
C ALA A 43 -8.47 -11.76 -16.22
N PHE A 44 -9.77 -11.57 -15.93
CA PHE A 44 -10.24 -11.02 -14.67
C PHE A 44 -11.39 -11.87 -14.15
N THR A 45 -11.31 -12.29 -12.90
CA THR A 45 -12.41 -12.97 -12.22
C THR A 45 -12.68 -12.24 -10.92
N TYR A 46 -13.91 -11.78 -10.74
CA TYR A 46 -14.30 -11.01 -9.57
C TYR A 46 -15.27 -11.82 -8.72
N ILE A 47 -14.90 -12.08 -7.48
CA ILE A 47 -15.74 -12.80 -6.53
C ILE A 47 -16.46 -11.75 -5.68
N ASP A 48 -17.79 -11.69 -5.81
CA ASP A 48 -18.62 -10.74 -5.07
C ASP A 48 -19.30 -11.45 -3.91
N TYR A 49 -19.02 -10.98 -2.68
CA TYR A 49 -19.59 -11.56 -1.48
C TYR A 49 -20.76 -10.75 -0.93
N GLU A 50 -21.29 -9.78 -1.69
CA GLU A 50 -22.25 -8.84 -1.10
C GLU A 50 -23.62 -9.49 -0.93
N ARG A 51 -24.13 -10.14 -1.97
CA ARG A 51 -25.39 -10.88 -1.82
C ARG A 51 -25.16 -12.27 -1.24
N ASP A 52 -24.31 -13.08 -1.86
CA ASP A 52 -24.08 -14.43 -1.36
C ASP A 52 -22.86 -14.43 -0.44
N SER A 53 -23.08 -14.81 0.83
CA SER A 53 -21.99 -14.93 1.78
C SER A 53 -20.84 -15.79 1.29
N GLU A 54 -21.04 -16.58 0.24
CA GLU A 54 -19.96 -17.42 -0.28
C GLU A 54 -19.32 -16.89 -1.54
N GLY A 55 -19.82 -15.78 -2.08
CA GLY A 55 -19.27 -15.25 -3.30
C GLY A 55 -19.88 -15.75 -4.58
N ILE A 56 -20.31 -14.80 -5.42
CA ILE A 56 -20.71 -15.05 -6.80
C ILE A 56 -19.56 -14.64 -7.71
N SER A 57 -19.25 -15.52 -8.66
CA SER A 57 -18.13 -15.35 -9.57
C SER A 57 -18.63 -14.79 -10.90
N GLU A 58 -17.78 -13.98 -11.51
CA GLU A 58 -18.04 -13.45 -12.85
C GLU A 58 -16.69 -13.18 -13.48
N SER A 59 -16.51 -13.67 -14.70
CA SER A 59 -15.19 -13.72 -15.30
C SER A 59 -15.22 -13.15 -16.71
N LEU A 60 -14.09 -12.55 -17.09
CA LEU A 60 -13.89 -11.98 -18.42
C LEU A 60 -12.61 -12.57 -19.00
N THR A 61 -12.71 -13.09 -20.22
CA THR A 61 -11.50 -13.39 -20.97
C THR A 61 -10.85 -12.10 -21.46
N TRP A 62 -9.67 -12.23 -22.06
CA TRP A 62 -9.00 -11.06 -22.61
C TRP A 62 -9.86 -10.37 -23.66
N SER A 63 -10.47 -11.13 -24.56
CA SER A 63 -11.32 -10.54 -25.59
C SER A 63 -12.50 -9.78 -24.99
N GLN A 64 -13.13 -10.35 -23.96
CA GLN A 64 -14.32 -9.72 -23.38
C GLN A 64 -13.97 -8.43 -22.65
N VAL A 65 -12.86 -8.42 -21.91
CA VAL A 65 -12.45 -7.19 -21.23
C VAL A 65 -12.03 -6.14 -22.26
N TYR A 66 -11.43 -6.57 -23.38
CA TYR A 66 -11.08 -5.63 -24.44
C TYR A 66 -12.34 -5.01 -25.05
N ARG A 67 -13.35 -5.83 -25.35
CA ARG A 67 -14.61 -5.32 -25.88
C ARG A 67 -15.22 -4.28 -24.94
N ARG A 68 -15.31 -4.60 -23.66
CA ARG A 68 -15.84 -3.63 -22.68
C ARG A 68 -15.00 -2.34 -22.70
N THR A 69 -13.68 -2.49 -22.67
CA THR A 69 -12.78 -1.34 -22.68
C THR A 69 -13.06 -0.43 -23.88
N LEU A 70 -13.22 -1.04 -25.06
CA LEU A 70 -13.47 -0.26 -26.27
C LEU A 70 -14.81 0.46 -26.21
N ASN A 71 -15.83 -0.20 -25.66
CA ASN A 71 -17.13 0.44 -25.51
C ASN A 71 -17.06 1.64 -24.56
N VAL A 72 -16.37 1.49 -23.43
CA VAL A 72 -16.17 2.63 -22.55
C VAL A 72 -15.39 3.74 -23.25
N ALA A 73 -14.41 3.37 -24.07
CA ALA A 73 -13.62 4.38 -24.77
C ALA A 73 -14.50 5.19 -25.71
N ALA A 74 -15.45 4.51 -26.37
CA ALA A 74 -16.38 5.21 -27.23
C ALA A 74 -17.26 6.16 -26.43
N GLU A 75 -17.75 5.71 -25.27
CA GLU A 75 -18.66 6.55 -24.51
C GLU A 75 -17.93 7.78 -23.94
N VAL A 76 -16.68 7.60 -23.50
CA VAL A 76 -15.96 8.74 -22.92
C VAL A 76 -15.57 9.72 -24.02
N ARG A 77 -15.35 9.22 -25.24
CA ARG A 77 -14.99 10.12 -26.33
C ARG A 77 -16.10 11.12 -26.64
N ARG A 78 -17.33 10.82 -26.26
CA ARG A 78 -18.43 11.75 -26.50
C ARG A 78 -18.34 12.96 -25.58
N HIS A 79 -17.60 12.85 -24.48
CA HIS A 79 -17.61 13.83 -23.40
C HIS A 79 -16.27 14.52 -23.17
N ALA A 80 -15.15 13.86 -23.45
CA ALA A 80 -13.84 14.42 -23.16
C ALA A 80 -12.89 14.20 -24.33
N ALA A 81 -11.79 14.94 -24.29
CA ALA A 81 -10.77 14.95 -25.32
C ALA A 81 -9.49 14.31 -24.82
N ILE A 82 -8.62 13.94 -25.76
CA ILE A 82 -7.30 13.41 -25.42
C ILE A 82 -6.61 14.38 -24.47
N GLY A 83 -6.08 13.85 -23.36
CA GLY A 83 -5.43 14.65 -22.36
C GLY A 83 -6.33 15.04 -21.20
N ASP A 84 -7.65 15.06 -21.40
CA ASP A 84 -8.55 15.38 -20.31
C ASP A 84 -8.45 14.31 -19.22
N ARG A 85 -8.76 14.70 -17.99
CA ARG A 85 -8.79 13.74 -16.90
C ARG A 85 -10.15 13.06 -16.83
N ALA A 86 -10.14 11.80 -16.40
CA ALA A 86 -11.37 11.04 -16.21
C ALA A 86 -11.37 10.46 -14.80
N VAL A 87 -12.22 11.00 -13.94
CA VAL A 87 -12.35 10.47 -12.58
C VAL A 87 -13.17 9.20 -12.60
N ILE A 88 -12.71 8.18 -11.86
CA ILE A 88 -13.43 6.92 -11.73
C ILE A 88 -14.00 6.83 -10.32
N LEU A 89 -15.33 6.74 -10.22
CA LEU A 89 -16.04 6.81 -8.95
C LEU A 89 -17.01 5.64 -8.86
N ALA A 90 -16.47 4.43 -8.84
CA ALA A 90 -17.21 3.18 -8.90
C ALA A 90 -16.82 2.30 -7.74
N PRO A 91 -17.68 1.38 -7.33
CA PRO A 91 -17.28 0.36 -6.36
C PRO A 91 -16.29 -0.61 -6.98
N GLN A 92 -15.64 -1.39 -6.11
CA GLN A 92 -14.75 -2.43 -6.60
C GLN A 92 -15.54 -3.41 -7.45
N GLY A 93 -14.98 -3.75 -8.60
CA GLY A 93 -15.63 -4.71 -9.47
C GLY A 93 -15.09 -4.57 -10.88
N LEU A 94 -15.65 -5.39 -11.77
CA LEU A 94 -15.25 -5.38 -13.17
C LEU A 94 -15.51 -4.02 -13.82
N ASP A 95 -16.56 -3.31 -13.40
CA ASP A 95 -16.84 -2.02 -14.01
C ASP A 95 -15.74 -1.02 -13.72
N TYR A 96 -15.15 -1.08 -12.53
CA TYR A 96 -14.03 -0.21 -12.21
C TYR A 96 -12.87 -0.45 -13.15
N ILE A 97 -12.57 -1.73 -13.39
CA ILE A 97 -11.44 -2.10 -14.24
C ILE A 97 -11.69 -1.59 -15.64
N VAL A 98 -12.93 -1.71 -16.11
CA VAL A 98 -13.23 -1.35 -17.48
C VAL A 98 -13.35 0.17 -17.65
N ALA A 99 -13.84 0.90 -16.63
CA ALA A 99 -13.77 2.35 -16.65
C ALA A 99 -12.33 2.84 -16.76
N PHE A 100 -11.43 2.30 -15.93
CA PHE A 100 -10.04 2.74 -15.92
C PHE A 100 -9.36 2.41 -17.26
N LEU A 101 -9.54 1.17 -17.73
CA LEU A 101 -8.93 0.78 -19.00
C LEU A 101 -9.51 1.57 -20.15
N GLY A 102 -10.84 1.78 -20.16
CA GLY A 102 -11.46 2.52 -21.24
C GLY A 102 -11.00 3.96 -21.28
N ALA A 103 -10.72 4.53 -20.11
CA ALA A 103 -10.20 5.89 -20.08
C ALA A 103 -8.80 5.94 -20.69
N LEU A 104 -7.93 4.99 -20.32
CA LEU A 104 -6.60 5.02 -20.92
C LEU A 104 -6.66 4.76 -22.42
N GLN A 105 -7.63 3.95 -22.85
CA GLN A 105 -7.78 3.62 -24.27
C GLN A 105 -8.10 4.85 -25.10
N ALA A 106 -8.94 5.75 -24.58
CA ALA A 106 -9.29 6.97 -25.29
C ALA A 106 -8.30 8.11 -25.02
N GLY A 107 -7.12 7.78 -24.49
CA GLY A 107 -6.09 8.78 -24.31
C GLY A 107 -6.40 9.78 -23.22
N LEU A 108 -7.13 9.36 -22.19
CA LEU A 108 -7.44 10.19 -21.04
C LEU A 108 -6.56 9.82 -19.86
N ILE A 109 -6.27 10.81 -19.03
CA ILE A 109 -5.49 10.62 -17.82
C ILE A 109 -6.47 10.18 -16.74
N ALA A 110 -6.46 8.88 -16.44
CA ALA A 110 -7.38 8.33 -15.47
C ALA A 110 -7.10 8.87 -14.07
N VAL A 111 -8.15 8.99 -13.26
CA VAL A 111 -8.03 9.36 -11.86
C VAL A 111 -8.80 8.37 -11.00
N PRO A 112 -8.17 7.29 -10.53
CA PRO A 112 -8.93 6.26 -9.80
C PRO A 112 -9.28 6.77 -8.40
N LEU A 113 -10.58 6.82 -8.10
CA LEU A 113 -11.00 7.27 -6.78
C LEU A 113 -11.92 6.23 -6.16
N SER A 114 -12.31 6.50 -4.92
CA SER A 114 -13.14 5.60 -4.12
C SER A 114 -14.60 6.00 -4.26
N ALA A 115 -15.49 5.04 -4.06
CA ALA A 115 -16.92 5.34 -4.08
C ALA A 115 -17.30 6.27 -2.93
N PRO A 116 -18.24 7.19 -3.16
CA PRO A 116 -18.62 8.15 -2.12
C PRO A 116 -19.13 7.49 -0.85
N LEU A 117 -18.54 7.87 0.28
CA LEU A 117 -18.96 7.37 1.58
C LEU A 117 -19.00 8.51 2.61
N ASP A 122 -17.80 11.84 0.26
CA ASP A 122 -16.70 12.16 1.18
C ASP A 122 -16.01 13.46 0.76
N GLU A 123 -15.32 14.10 1.70
CA GLU A 123 -14.75 15.42 1.43
C GLU A 123 -13.49 15.38 0.55
N ARG A 124 -12.61 14.42 0.80
CA ARG A 124 -11.41 14.31 -0.02
C ARG A 124 -11.74 13.93 -1.46
N VAL A 125 -12.97 13.50 -1.73
CA VAL A 125 -13.35 13.19 -3.11
C VAL A 125 -13.65 14.48 -3.87
N ASP A 126 -14.34 15.43 -3.26
CA ASP A 126 -14.59 16.68 -3.95
C ASP A 126 -13.31 17.50 -4.05
N ALA A 127 -12.41 17.34 -3.08
CA ALA A 127 -11.13 18.05 -3.19
C ALA A 127 -10.32 17.53 -4.37
N VAL A 128 -10.33 16.21 -4.58
CA VAL A 128 -9.62 15.66 -5.73
C VAL A 128 -10.27 16.12 -7.03
N VAL A 129 -11.60 16.11 -7.09
CA VAL A 129 -12.26 16.51 -8.34
C VAL A 129 -11.93 17.96 -8.68
N ARG A 130 -11.88 18.85 -7.68
CA ARG A 130 -11.49 20.23 -7.95
C ARG A 130 -10.05 20.29 -8.45
N ASP A 131 -9.17 19.45 -7.91
CA ASP A 131 -7.77 19.52 -8.35
C ASP A 131 -7.60 19.02 -9.79
N ALA A 132 -8.23 17.90 -10.15
CA ALA A 132 -7.97 17.25 -11.44
C ALA A 132 -8.80 17.82 -12.58
N LYS A 133 -9.78 18.65 -12.25
CA LYS A 133 -10.74 19.25 -13.18
C LYS A 133 -11.15 18.28 -14.30
N PRO A 134 -11.73 17.14 -13.96
CA PRO A 134 -12.03 16.11 -14.97
C PRO A 134 -13.09 16.55 -15.95
N ASN A 135 -12.95 16.07 -17.19
CA ASN A 135 -13.95 16.34 -18.23
C ASN A 135 -14.98 15.23 -18.35
N VAL A 136 -14.83 14.12 -17.62
CA VAL A 136 -15.86 13.10 -17.51
C VAL A 136 -15.71 12.40 -16.17
N VAL A 137 -16.83 11.89 -15.65
CA VAL A 137 -16.85 11.04 -14.48
C VAL A 137 -17.34 9.66 -14.90
N LEU A 138 -16.63 8.63 -14.47
CA LEU A 138 -17.00 7.24 -14.72
C LEU A 138 -17.46 6.62 -13.41
N THR A 139 -18.71 6.14 -13.39
CA THR A 139 -19.30 5.65 -12.15
C THR A 139 -20.23 4.50 -12.49
N THR A 140 -21.06 4.10 -11.52
CA THR A 140 -22.13 3.15 -11.76
C THR A 140 -23.48 3.73 -11.36
N SER A 141 -24.53 3.16 -11.94
CA SER A 141 -25.89 3.58 -11.63
C SER A 141 -26.21 3.43 -10.14
N ALA A 142 -25.63 2.43 -9.48
CA ALA A 142 -25.96 2.18 -8.07
C ALA A 142 -25.56 3.36 -7.20
N ILE A 143 -24.33 3.85 -7.34
CA ILE A 143 -23.90 5.02 -6.60
C ILE A 143 -24.04 6.29 -7.43
N MET A 144 -24.75 6.23 -8.56
CA MET A 144 -24.98 7.46 -9.32
C MET A 144 -25.63 8.53 -8.49
N GLY A 145 -26.49 8.15 -7.55
CA GLY A 145 -27.08 9.12 -6.65
C GLY A 145 -26.06 9.85 -5.80
N ASP A 146 -24.97 9.18 -5.42
CA ASP A 146 -23.90 9.82 -4.66
C ASP A 146 -22.73 10.18 -5.58
N SER A 159 -20.83 21.42 -14.19
CA SER A 159 -20.45 20.12 -13.65
C SER A 159 -20.18 19.12 -14.79
N PRO A 160 -19.19 18.23 -14.56
CA PRO A 160 -18.74 17.34 -15.65
C PRO A 160 -19.75 16.26 -15.95
N PRO A 161 -19.85 15.82 -17.20
CA PRO A 161 -20.77 14.72 -17.54
C PRO A 161 -20.42 13.46 -16.78
N THR A 162 -21.47 12.77 -16.32
CA THR A 162 -21.32 11.58 -15.49
C THR A 162 -21.88 10.39 -16.25
N VAL A 163 -21.09 9.33 -16.33
CA VAL A 163 -21.41 8.14 -17.13
C VAL A 163 -21.56 6.96 -16.18
N ALA A 164 -22.69 6.26 -16.28
CA ALA A 164 -22.93 5.04 -15.53
C ALA A 164 -22.55 3.87 -16.43
N VAL A 165 -21.36 3.31 -16.20
CA VAL A 165 -20.80 2.35 -17.16
C VAL A 165 -21.55 1.02 -17.11
N ASP A 166 -22.18 0.70 -15.97
CA ASP A 166 -22.94 -0.55 -15.88
C ASP A 166 -24.20 -0.48 -16.71
N GLN A 167 -24.72 0.72 -16.95
CA GLN A 167 -25.91 0.92 -17.75
C GLN A 167 -25.59 1.05 -19.24
N LEU A 168 -24.31 0.98 -19.58
CA LEU A 168 -23.87 0.90 -20.96
C LEU A 168 -23.89 -0.53 -21.46
N ASP A 169 -24.12 -0.70 -22.76
CA ASP A 169 -24.07 -2.01 -23.39
C ASP A 169 -22.61 -2.34 -23.64
N LEU A 170 -21.96 -2.92 -22.64
CA LEU A 170 -20.51 -3.09 -22.65
C LEU A 170 -20.05 -4.33 -23.40
N ASP A 171 -20.95 -5.26 -23.73
CA ASP A 171 -20.60 -6.44 -24.50
C ASP A 171 -21.15 -6.37 -25.92
N SER A 172 -21.37 -5.17 -26.44
CA SER A 172 -21.79 -5.00 -27.83
C SER A 172 -20.57 -4.80 -28.72
N PRO A 173 -20.32 -5.68 -29.71
CA PRO A 173 -19.15 -5.54 -30.58
C PRO A 173 -19.22 -4.30 -31.46
N ILE A 178 -12.30 1.67 -34.33
CA ILE A 178 -11.54 1.42 -33.13
C ILE A 178 -11.13 2.74 -32.47
N VAL A 179 -10.79 2.69 -31.19
CA VAL A 179 -10.40 3.86 -30.42
C VAL A 179 -9.05 3.60 -29.77
N ASP A 180 -7.96 3.73 -30.51
CA ASP A 180 -6.66 3.70 -29.84
C ASP A 180 -6.06 5.09 -30.04
N ASP A 181 -6.44 5.99 -29.13
CA ASP A 181 -5.87 7.32 -29.00
C ASP A 181 -5.03 7.42 -27.74
N SER A 182 -4.50 6.30 -27.27
CA SER A 182 -3.79 6.30 -25.99
C SER A 182 -2.62 7.27 -26.04
N LEU A 183 -2.34 7.88 -24.90
CA LEU A 183 -1.08 8.60 -24.74
C LEU A 183 0.07 7.61 -24.60
N GLN A 184 1.26 8.10 -24.94
CA GLN A 184 2.47 7.35 -24.67
C GLN A 184 3.21 7.83 -23.43
N THR A 185 2.66 8.82 -22.71
CA THR A 185 3.33 9.36 -21.54
C THR A 185 2.38 9.18 -20.34
N THR A 186 1.63 10.20 -19.95
CA THR A 186 0.90 10.15 -18.69
C THR A 186 -0.29 9.20 -18.79
N ALA A 187 -0.36 8.25 -17.86
CA ALA A 187 -1.45 7.28 -17.79
C ALA A 187 -2.54 7.73 -16.81
N TYR A 188 -2.16 7.99 -15.56
CA TYR A 188 -3.17 8.29 -14.55
C TYR A 188 -2.54 9.11 -13.42
N LEU A 189 -3.42 9.79 -12.68
CA LEU A 189 -3.03 10.48 -11.45
C LEU A 189 -3.35 9.62 -10.23
N GLN A 190 -2.36 9.42 -9.37
CA GLN A 190 -2.53 8.66 -8.14
C GLN A 190 -2.54 9.65 -6.97
N TYR A 191 -3.73 9.86 -6.40
CA TYR A 191 -3.91 10.79 -5.30
C TYR A 191 -3.71 10.13 -3.96
N THR A 192 -3.04 10.84 -3.05
CA THR A 192 -2.69 10.32 -1.73
C THR A 192 -3.92 10.22 -0.84
N ARG A 197 -2.21 19.95 3.25
CA ARG A 197 -2.89 18.67 3.32
C ARG A 197 -3.41 18.43 1.91
N THR A 198 -3.56 19.54 1.16
CA THR A 198 -4.17 19.62 -0.16
C THR A 198 -3.80 18.41 -0.99
N PRO A 199 -4.78 17.80 -1.66
CA PRO A 199 -4.53 16.54 -2.37
C PRO A 199 -3.59 16.76 -3.54
N ALA A 200 -2.56 15.92 -3.59
CA ALA A 200 -1.55 15.95 -4.65
C ALA A 200 -1.69 14.70 -5.49
N GLY A 201 -1.90 14.87 -6.79
CA GLY A 201 -2.02 13.76 -7.71
C GLY A 201 -0.70 13.38 -8.36
N VAL A 202 -0.19 12.19 -8.04
CA VAL A 202 1.07 11.72 -8.62
C VAL A 202 0.85 11.43 -10.10
N MET A 203 1.63 12.08 -10.95
CA MET A 203 1.65 11.76 -12.37
C MET A 203 2.43 10.47 -12.61
N ILE A 204 1.74 9.44 -13.11
CA ILE A 204 2.36 8.16 -13.42
C ILE A 204 2.36 8.00 -14.94
N THR A 205 3.53 7.82 -15.52
CA THR A 205 3.67 7.59 -16.95
C THR A 205 3.77 6.10 -17.26
N TYR A 206 3.46 5.75 -18.49
CA TYR A 206 3.70 4.38 -18.94
C TYR A 206 5.17 4.00 -18.74
N LYS A 207 6.08 4.95 -18.92
CA LYS A 207 7.48 4.66 -18.64
C LYS A 207 7.70 4.31 -17.18
N ASN A 208 7.09 5.09 -16.27
CA ASN A 208 7.12 4.75 -14.86
C ASN A 208 6.64 3.33 -14.64
N ILE A 209 5.48 2.99 -15.21
CA ILE A 209 4.87 1.68 -14.97
C ILE A 209 5.80 0.57 -15.44
N LEU A 210 6.22 0.64 -16.70
CA LEU A 210 7.09 -0.40 -17.26
C LEU A 210 8.41 -0.51 -16.49
N ALA A 211 9.04 0.63 -16.16
CA ALA A 211 10.28 0.57 -15.41
C ALA A 211 10.08 -0.09 -14.04
N ASN A 212 9.02 0.27 -13.32
CA ASN A 212 8.77 -0.33 -12.03
C ASN A 212 8.49 -1.82 -12.18
N PHE A 213 7.79 -2.21 -13.25
CA PHE A 213 7.49 -3.61 -13.46
C PHE A 213 8.77 -4.39 -13.77
N GLN A 214 9.66 -3.81 -14.56
CA GLN A 214 10.90 -4.51 -14.86
C GLN A 214 11.75 -4.69 -13.59
N GLN A 215 11.79 -3.66 -12.75
CA GLN A 215 12.45 -3.79 -11.45
C GLN A 215 11.77 -4.86 -10.60
N MET A 216 10.44 -4.89 -10.64
CA MET A 216 9.70 -5.78 -9.76
C MET A 216 9.85 -7.22 -10.21
N ILE A 217 9.66 -7.46 -11.52
CA ILE A 217 9.78 -8.79 -12.09
C ILE A 217 11.18 -9.33 -11.82
N SER A 218 12.19 -8.46 -11.89
CA SER A 218 13.56 -8.93 -11.69
C SER A 218 13.84 -9.25 -10.23
N ALA A 219 13.37 -8.42 -9.29
CA ALA A 219 13.64 -8.71 -7.89
C ALA A 219 12.80 -9.85 -7.34
N TYR A 220 11.50 -9.89 -7.68
CA TYR A 220 10.59 -10.90 -7.17
C TYR A 220 10.91 -12.29 -7.73
N PHE A 221 11.42 -12.35 -8.94
CA PHE A 221 11.67 -13.61 -9.64
C PHE A 221 13.13 -13.77 -10.01
N ALA A 222 14.03 -13.19 -9.20
CA ALA A 222 15.45 -13.35 -9.46
C ALA A 222 15.89 -14.81 -9.41
N ASP A 223 15.16 -15.66 -8.69
CA ASP A 223 15.61 -17.05 -8.60
C ASP A 223 15.21 -17.85 -9.83
N THR A 224 14.31 -17.33 -10.65
CA THR A 224 13.89 -17.97 -11.89
C THR A 224 14.20 -17.09 -13.10
N GLY A 225 15.34 -16.42 -13.06
CA GLY A 225 15.81 -15.63 -14.19
C GLY A 225 14.89 -14.50 -14.61
N ALA A 226 14.22 -13.86 -13.66
CA ALA A 226 13.24 -12.80 -13.90
C ALA A 226 12.09 -13.27 -14.80
N VAL A 227 11.80 -14.56 -14.78
CA VAL A 227 10.66 -15.14 -15.49
C VAL A 227 9.68 -15.67 -14.44
N PRO A 228 8.44 -15.19 -14.41
CA PRO A 228 7.44 -15.75 -13.49
C PRO A 228 6.96 -17.10 -14.01
N PRO A 229 6.47 -17.97 -13.12
CA PRO A 229 6.07 -19.30 -13.58
C PRO A 229 4.88 -19.25 -14.51
N LEU A 230 4.80 -20.26 -15.39
CA LEU A 230 3.63 -20.41 -16.26
C LEU A 230 2.33 -20.43 -15.47
N ASP A 231 2.37 -20.95 -14.25
CA ASP A 231 1.22 -21.18 -13.39
C ASP A 231 0.75 -19.93 -12.66
N LEU A 232 1.36 -18.78 -12.90
CA LEU A 232 1.12 -17.63 -12.04
C LEU A 232 -0.30 -17.10 -12.22
N PHE A 233 -0.92 -16.73 -11.11
CA PHE A 233 -2.10 -15.87 -11.17
C PHE A 233 -2.04 -14.86 -10.02
N ILE A 234 -2.68 -13.73 -10.24
CA ILE A 234 -2.70 -12.63 -9.28
C ILE A 234 -3.97 -12.77 -8.46
N MET A 235 -3.84 -12.69 -7.14
CA MET A 235 -4.98 -12.63 -6.25
C MET A 235 -4.83 -11.38 -5.41
N SER A 236 -5.86 -10.53 -5.42
CA SER A 236 -5.81 -9.32 -4.60
C SER A 236 -7.21 -8.93 -4.15
N TRP A 237 -7.30 -8.48 -2.90
CA TRP A 237 -8.51 -7.84 -2.39
C TRP A 237 -8.28 -6.36 -2.14
N LEU A 238 -7.15 -5.83 -2.58
CA LEU A 238 -6.79 -4.45 -2.26
C LEU A 238 -7.62 -3.49 -3.10
N PRO A 239 -8.06 -2.37 -2.52
CA PRO A 239 -8.87 -1.42 -3.28
C PRO A 239 -8.13 -0.89 -4.51
N PHE A 240 -8.86 -0.74 -5.62
CA PHE A 240 -8.24 -0.29 -6.86
C PHE A 240 -7.84 1.18 -6.81
N TYR A 241 -8.35 1.93 -5.83
CA TYR A 241 -8.05 3.35 -5.69
C TYR A 241 -6.84 3.59 -4.80
N HIS A 242 -6.12 2.55 -4.43
CA HIS A 242 -4.84 2.68 -3.74
C HIS A 242 -3.80 2.12 -4.69
N ASP A 243 -2.56 2.63 -4.60
CA ASP A 243 -1.55 2.31 -5.61
C ASP A 243 -1.22 0.82 -5.63
N MET A 244 -1.09 0.20 -4.46
CA MET A 244 -0.82 -1.24 -4.41
C MET A 244 -1.93 -2.02 -5.10
N GLY A 245 -3.19 -1.74 -4.76
CA GLY A 245 -4.29 -2.46 -5.37
C GLY A 245 -4.50 -2.15 -6.83
N LEU A 246 -4.15 -0.93 -7.27
CA LEU A 246 -4.34 -0.60 -8.67
C LEU A 246 -3.27 -1.25 -9.54
N VAL A 247 -2.02 -1.21 -9.10
CA VAL A 247 -0.95 -1.78 -9.90
C VAL A 247 -1.04 -3.30 -9.88
N LEU A 248 -1.44 -3.88 -8.76
CA LEU A 248 -1.48 -5.34 -8.70
C LEU A 248 -2.74 -5.91 -9.32
N GLY A 249 -3.91 -5.38 -8.96
CA GLY A 249 -5.14 -5.98 -9.43
C GLY A 249 -5.54 -5.66 -10.85
N VAL A 250 -5.23 -4.46 -11.33
CA VAL A 250 -5.72 -3.98 -12.61
C VAL A 250 -4.63 -3.96 -13.67
N CYS A 251 -3.44 -3.44 -13.33
CA CYS A 251 -2.40 -3.25 -14.32
C CYS A 251 -1.54 -4.50 -14.53
N ALA A 252 -1.10 -5.12 -13.44
CA ALA A 252 -0.24 -6.29 -13.54
C ALA A 252 -0.80 -7.40 -14.42
N PRO A 253 -2.09 -7.75 -14.38
CA PRO A 253 -2.55 -8.85 -15.24
C PRO A 253 -2.26 -8.62 -16.71
N ILE A 254 -2.38 -7.37 -17.16
CA ILE A 254 -2.12 -7.03 -18.55
C ILE A 254 -0.63 -7.03 -18.85
N ILE A 255 0.18 -6.46 -17.96
CA ILE A 255 1.60 -6.29 -18.25
C ILE A 255 2.36 -7.60 -18.11
N VAL A 256 1.96 -8.43 -17.13
CA VAL A 256 2.57 -9.73 -16.92
C VAL A 256 1.98 -10.77 -17.88
N GLY A 257 0.69 -10.66 -18.17
CA GLY A 257 0.03 -11.61 -19.03
C GLY A 257 -0.55 -12.82 -18.31
N CYS A 258 -1.14 -12.60 -17.14
CA CYS A 258 -1.81 -13.65 -16.39
C CYS A 258 -3.17 -13.15 -15.94
N GLY A 259 -3.96 -14.04 -15.38
CA GLY A 259 -5.27 -13.68 -14.88
C GLY A 259 -5.23 -13.27 -13.42
N ALA A 260 -6.28 -12.56 -13.02
CA ALA A 260 -6.43 -12.07 -11.66
C ALA A 260 -7.69 -12.64 -11.03
N VAL A 261 -7.57 -13.06 -9.77
CA VAL A 261 -8.71 -13.33 -8.91
C VAL A 261 -8.84 -12.15 -7.96
N LEU A 262 -9.98 -11.48 -7.98
CA LEU A 262 -10.13 -10.20 -7.30
C LEU A 262 -11.38 -10.24 -6.43
N THR A 263 -11.36 -9.42 -5.39
CA THR A 263 -12.52 -9.21 -4.52
C THR A 263 -12.34 -7.86 -3.83
N SER A 264 -13.28 -7.54 -2.93
CA SER A 264 -13.37 -6.25 -2.28
C SER A 264 -12.72 -6.29 -0.90
N PRO A 265 -12.13 -5.18 -0.46
CA PRO A 265 -11.60 -5.12 0.91
C PRO A 265 -12.67 -5.34 1.98
N VAL A 266 -13.94 -5.04 1.70
CA VAL A 266 -14.97 -5.29 2.70
C VAL A 266 -15.20 -6.79 2.84
N ALA A 267 -15.11 -7.53 1.72
CA ALA A 267 -15.20 -8.98 1.82
C ALA A 267 -14.05 -9.53 2.66
N PHE A 268 -12.86 -8.96 2.52
CA PHE A 268 -11.73 -9.49 3.30
C PHE A 268 -11.91 -9.18 4.77
N LEU A 269 -12.36 -7.97 5.11
CA LEU A 269 -12.49 -7.59 6.52
C LEU A 269 -13.60 -8.40 7.20
N GLN A 270 -14.68 -8.67 6.47
CA GLN A 270 -15.75 -9.51 6.99
C GLN A 270 -15.22 -10.89 7.38
N ARG A 271 -14.38 -11.49 6.54
CA ARG A 271 -13.96 -12.87 6.71
C ARG A 271 -12.57 -12.99 6.11
N PRO A 272 -11.53 -12.69 6.89
CA PRO A 272 -10.16 -12.73 6.34
C PRO A 272 -9.75 -14.08 5.76
N ALA A 273 -10.44 -15.16 6.13
CA ALA A 273 -10.06 -16.47 5.61
C ALA A 273 -10.26 -16.56 4.10
N ARG A 274 -11.22 -15.79 3.57
CA ARG A 274 -11.43 -15.81 2.13
C ARG A 274 -10.15 -15.51 1.37
N TRP A 275 -9.28 -14.67 1.95
CA TRP A 275 -8.02 -14.36 1.27
C TRP A 275 -7.24 -15.64 1.01
N LEU A 276 -7.03 -16.45 2.05
CA LEU A 276 -6.31 -17.69 1.87
C LEU A 276 -7.04 -18.59 0.90
N GLN A 277 -8.38 -18.66 1.03
CA GLN A 277 -9.17 -19.49 0.13
C GLN A 277 -8.88 -19.12 -1.31
N LEU A 278 -8.97 -17.83 -1.64
CA LEU A 278 -8.79 -17.46 -3.05
C LEU A 278 -7.36 -17.67 -3.51
N MET A 279 -6.37 -17.47 -2.63
CA MET A 279 -4.99 -17.72 -3.04
C MET A 279 -4.75 -19.20 -3.33
N ALA A 280 -5.48 -20.09 -2.66
CA ALA A 280 -5.29 -21.52 -2.82
C ALA A 280 -5.99 -22.09 -4.04
N ARG A 281 -6.47 -21.25 -4.96
CA ARG A 281 -7.03 -21.76 -6.20
C ARG A 281 -5.92 -22.29 -7.09
N GLU A 282 -6.31 -22.80 -8.26
CA GLU A 282 -5.36 -23.47 -9.14
C GLU A 282 -4.27 -22.50 -9.62
N GLY A 283 -3.03 -22.97 -9.55
CA GLY A 283 -1.88 -22.21 -10.00
C GLY A 283 -1.02 -21.76 -8.85
N GLN A 284 -0.17 -20.78 -9.13
CA GLN A 284 0.73 -20.22 -8.13
C GLN A 284 0.33 -18.78 -7.87
N ALA A 285 -0.16 -18.53 -6.65
CA ALA A 285 -0.71 -17.22 -6.30
C ALA A 285 0.37 -16.16 -6.13
N PHE A 286 0.03 -14.94 -6.53
CA PHE A 286 0.81 -13.75 -6.24
C PHE A 286 -0.14 -12.73 -5.64
N SER A 287 0.11 -12.32 -4.41
CA SER A 287 -0.78 -11.44 -3.68
C SER A 287 0.04 -10.44 -2.87
N ALA A 288 -0.66 -9.62 -2.08
CA ALA A 288 -0.03 -8.52 -1.37
C ALA A 288 -0.99 -8.04 -0.29
N ALA A 289 -0.43 -7.49 0.78
CA ALA A 289 -1.25 -6.99 1.87
C ALA A 289 -0.44 -6.11 2.82
N PRO A 290 -1.10 -5.16 3.47
CA PRO A 290 -0.47 -4.49 4.61
C PRO A 290 -0.29 -5.45 5.77
N ASN A 291 0.54 -5.02 6.72
CA ASN A 291 0.91 -5.84 7.86
C ASN A 291 -0.31 -6.19 8.72
N PHE A 292 -1.23 -5.24 8.92
CA PHE A 292 -2.38 -5.53 9.77
C PHE A 292 -3.25 -6.61 9.14
N ALA A 293 -3.23 -6.74 7.82
CA ALA A 293 -3.98 -7.81 7.18
C ALA A 293 -3.39 -9.18 7.50
N PHE A 294 -2.06 -9.26 7.60
CA PHE A 294 -1.43 -10.49 8.05
C PHE A 294 -1.84 -10.79 9.48
N GLU A 295 -1.84 -9.77 10.33
CA GLU A 295 -2.23 -9.97 11.73
C GLU A 295 -3.70 -10.42 11.81
N LEU A 296 -4.58 -9.71 11.11
CA LEU A 296 -6.00 -10.01 11.13
C LEU A 296 -6.25 -11.42 10.65
N THR A 297 -5.53 -11.88 9.63
CA THR A 297 -5.77 -13.20 9.10
C THR A 297 -5.31 -14.26 10.07
N ALA A 298 -4.09 -14.10 10.61
CA ALA A 298 -3.63 -15.00 11.68
C ALA A 298 -4.61 -15.05 12.84
N ALA A 299 -5.34 -13.97 13.10
CA ALA A 299 -6.20 -13.94 14.27
C ALA A 299 -7.60 -14.51 14.01
N LYS A 300 -8.28 -14.04 12.96
CA LYS A 300 -9.71 -14.24 12.79
C LYS A 300 -10.07 -15.36 11.83
N ALA A 301 -9.10 -16.10 11.29
CA ALA A 301 -9.39 -17.19 10.37
C ALA A 301 -9.50 -18.48 11.16
N ILE A 302 -10.61 -19.19 10.96
CA ILE A 302 -10.86 -20.45 11.65
C ILE A 302 -10.26 -21.61 10.87
N ASP A 303 -9.64 -22.56 11.57
CA ASP A 303 -9.09 -23.75 10.92
C ASP A 303 -10.17 -24.62 10.30
N ASP A 304 -11.44 -24.36 10.60
CA ASP A 304 -12.56 -25.05 9.98
C ASP A 304 -12.84 -24.48 8.60
N ASP A 305 -12.70 -23.17 8.47
CA ASP A 305 -12.81 -22.50 7.19
C ASP A 305 -11.70 -22.90 6.24
N LEU A 306 -10.58 -23.38 6.77
CA LEU A 306 -9.42 -23.77 5.98
C LEU A 306 -9.34 -25.27 5.79
N ALA A 307 -10.45 -25.98 5.94
CA ALA A 307 -10.45 -27.41 5.72
C ALA A 307 -9.88 -27.72 4.34
N GLY A 308 -8.83 -28.54 4.32
CA GLY A 308 -8.20 -28.95 3.07
C GLY A 308 -7.63 -27.88 2.16
N LEU A 309 -7.03 -26.83 2.71
CA LEU A 309 -6.36 -25.83 1.88
C LEU A 309 -4.91 -26.23 1.65
N ASP A 310 -4.49 -26.13 0.41
CA ASP A 310 -3.08 -26.25 0.04
C ASP A 310 -2.53 -24.85 -0.21
N LEU A 311 -1.69 -24.37 0.70
CA LEU A 311 -1.02 -23.08 0.55
C LEU A 311 0.39 -23.23 0.00
N GLY A 312 0.78 -24.45 -0.38
CA GLY A 312 2.14 -24.71 -0.84
C GLY A 312 2.45 -24.21 -2.23
N ARG A 313 1.42 -23.92 -3.03
CA ARG A 313 1.64 -23.41 -4.38
C ARG A 313 1.65 -21.87 -4.43
N ILE A 314 1.41 -21.20 -3.31
CA ILE A 314 1.42 -19.75 -3.31
C ILE A 314 2.82 -19.25 -3.65
N LYS A 315 2.92 -18.43 -4.68
CA LYS A 315 4.24 -18.02 -5.16
C LYS A 315 4.79 -16.87 -4.32
N THR A 316 3.97 -15.84 -4.10
CA THR A 316 4.44 -14.63 -3.43
C THR A 316 3.28 -14.01 -2.67
N ILE A 317 3.51 -13.66 -1.41
CA ILE A 317 2.66 -12.72 -0.70
C ILE A 317 3.53 -11.55 -0.28
N LEU A 318 3.34 -10.40 -0.93
CA LEU A 318 4.04 -9.20 -0.54
C LEU A 318 3.44 -8.66 0.76
N CYS A 319 4.29 -8.12 1.62
CA CYS A 319 3.86 -7.39 2.80
C CYS A 319 4.39 -5.97 2.69
N GLY A 320 3.48 -5.01 2.50
CA GLY A 320 3.91 -3.65 2.29
C GLY A 320 2.84 -2.64 2.63
N SER A 321 3.10 -1.39 2.21
CA SER A 321 2.27 -0.21 2.42
C SER A 321 2.36 0.32 3.86
N GLU A 322 3.04 -0.42 4.74
CA GLU A 322 3.21 -0.01 6.12
C GLU A 322 4.37 -0.80 6.71
N ARG A 323 4.72 -0.49 7.96
CA ARG A 323 5.82 -1.16 8.63
C ARG A 323 5.57 -2.65 8.73
N VAL A 324 6.59 -3.45 8.39
CA VAL A 324 6.52 -4.89 8.47
C VAL A 324 7.07 -5.31 9.84
N HIS A 325 6.18 -5.79 10.71
CA HIS A 325 6.58 -6.21 12.05
C HIS A 325 6.98 -7.68 12.02
N PRO A 326 8.23 -8.03 12.36
CA PRO A 326 8.60 -9.46 12.47
C PRO A 326 7.61 -10.31 13.27
N ALA A 327 7.10 -9.80 14.40
CA ALA A 327 6.19 -10.61 15.19
C ALA A 327 4.95 -10.99 14.38
N THR A 328 4.46 -10.08 13.55
CA THR A 328 3.32 -10.38 12.69
C THR A 328 3.67 -11.48 11.69
N LEU A 329 4.80 -11.34 11.00
CA LEU A 329 5.21 -12.34 10.03
C LEU A 329 5.32 -13.71 10.69
N LYS A 330 5.88 -13.76 11.90
CA LYS A 330 6.06 -15.04 12.58
C LYS A 330 4.73 -15.65 12.98
N ARG A 331 3.79 -14.82 13.45
CA ARG A 331 2.47 -15.36 13.78
C ARG A 331 1.77 -15.89 12.53
N PHE A 332 1.89 -15.17 11.41
CA PHE A 332 1.27 -15.62 10.17
C PHE A 332 1.86 -16.94 9.68
N VAL A 333 3.18 -17.05 9.66
CA VAL A 333 3.81 -18.26 9.13
C VAL A 333 3.62 -19.42 10.11
N ASP A 334 3.70 -19.14 11.40
CA ASP A 334 3.58 -20.23 12.40
C ASP A 334 2.16 -20.80 12.36
N ARG A 335 1.17 -19.98 12.01
CA ARG A 335 -0.25 -20.44 12.05
C ARG A 335 -0.66 -21.09 10.74
N PHE A 336 -0.03 -20.71 9.63
CA PHE A 336 -0.51 -21.24 8.33
C PHE A 336 0.50 -22.16 7.66
N SER A 337 1.63 -22.42 8.33
CA SER A 337 2.61 -23.39 7.77
C SER A 337 1.98 -24.77 7.71
N ARG A 338 1.02 -25.05 8.60
CA ARG A 338 0.32 -26.36 8.62
C ARG A 338 -0.30 -26.65 7.28
N PHE A 339 -0.71 -25.61 6.55
CA PHE A 339 -1.35 -25.79 5.22
C PHE A 339 -0.27 -25.69 4.16
N ASN A 340 0.99 -25.87 4.55
CA ASN A 340 2.10 -25.87 3.60
C ASN A 340 2.51 -24.48 3.12
N LEU A 341 2.16 -23.42 3.84
CA LEU A 341 2.62 -22.10 3.43
C LEU A 341 4.15 -22.05 3.47
N ARG A 342 4.77 -21.70 2.34
CA ARG A 342 6.22 -21.63 2.28
C ARG A 342 6.72 -20.30 2.83
N GLU A 343 7.71 -20.36 3.71
CA GLU A 343 8.24 -19.14 4.31
C GLU A 343 8.91 -18.25 3.28
N PHE A 344 9.54 -18.83 2.26
CA PHE A 344 10.16 -17.99 1.24
C PHE A 344 9.12 -17.32 0.33
N ALA A 345 7.83 -17.54 0.55
CA ALA A 345 6.80 -16.84 -0.21
C ALA A 345 6.44 -15.49 0.41
N ILE A 346 6.76 -15.27 1.69
CA ILE A 346 6.54 -13.97 2.33
C ILE A 346 7.65 -13.03 1.90
N ARG A 347 7.30 -11.96 1.21
CA ARG A 347 8.29 -11.01 0.71
C ARG A 347 7.97 -9.63 1.23
N PRO A 348 8.67 -9.15 2.26
CA PRO A 348 8.52 -7.74 2.65
C PRO A 348 8.85 -6.84 1.45
N ALA A 349 8.09 -5.75 1.33
CA ALA A 349 8.26 -4.86 0.19
C ALA A 349 8.01 -3.41 0.62
N TYR A 350 8.90 -2.53 0.18
CA TYR A 350 8.85 -1.11 0.51
C TYR A 350 8.63 -0.31 -0.76
N GLY A 351 7.80 0.72 -0.66
CA GLY A 351 7.57 1.60 -1.79
C GLY A 351 6.62 2.70 -1.40
N LEU A 352 6.25 3.51 -2.39
CA LEU A 352 5.38 4.66 -2.17
C LEU A 352 4.83 5.06 -3.53
N ALA A 353 3.71 5.79 -3.50
CA ALA A 353 3.07 6.20 -4.74
C ALA A 353 4.01 6.99 -5.63
N GLU A 354 4.88 7.80 -5.01
CA GLU A 354 5.77 8.66 -5.78
C GLU A 354 6.81 7.85 -6.57
N ALA A 355 7.00 6.58 -6.23
CA ALA A 355 7.86 5.67 -6.99
C ALA A 355 7.06 4.68 -7.83
N THR A 356 5.85 5.08 -8.24
CA THR A 356 4.83 4.22 -8.83
C THR A 356 4.29 3.20 -7.82
N VAL A 357 5.15 2.36 -7.26
CA VAL A 357 4.75 1.52 -6.14
C VAL A 357 5.96 0.87 -5.45
N TYR A 358 6.96 0.44 -6.22
CA TYR A 358 8.00 -0.45 -5.69
C TYR A 358 9.35 0.27 -5.56
N VAL A 359 10.02 0.03 -4.43
CA VAL A 359 11.38 0.51 -4.19
C VAL A 359 12.35 -0.63 -3.86
N ALA A 360 11.96 -1.51 -2.94
CA ALA A 360 12.85 -2.56 -2.49
C ALA A 360 12.05 -3.75 -1.98
N THR A 361 12.69 -4.92 -1.98
CA THR A 361 12.05 -6.14 -1.52
C THR A 361 13.11 -7.14 -1.08
N SER A 362 12.65 -8.18 -0.38
CA SER A 362 13.58 -9.15 0.20
C SER A 362 14.15 -10.05 -0.90
N GLN A 363 15.28 -10.69 -0.57
CA GLN A 363 15.93 -11.60 -1.48
C GLN A 363 15.03 -12.76 -1.88
N ALA A 364 14.88 -12.96 -3.19
CA ALA A 364 14.09 -14.07 -3.70
C ALA A 364 14.70 -15.40 -3.28
N GLY A 365 13.83 -16.37 -3.00
CA GLY A 365 14.28 -17.70 -2.65
C GLY A 365 14.67 -17.90 -1.20
N GLN A 366 14.52 -16.87 -0.36
CA GLN A 366 14.84 -17.00 1.05
C GLN A 366 13.71 -16.41 1.88
N PRO A 367 13.46 -16.94 3.07
CA PRO A 367 12.52 -16.29 3.99
C PRO A 367 13.02 -14.92 4.42
N PRO A 368 12.14 -14.06 4.94
CA PRO A 368 12.58 -12.71 5.31
C PRO A 368 13.68 -12.76 6.36
N GLU A 369 14.63 -11.84 6.23
CA GLU A 369 15.77 -11.74 7.14
C GLU A 369 15.53 -10.60 8.15
N ILE A 370 15.72 -10.91 9.43
CA ILE A 370 15.49 -9.97 10.52
C ILE A 370 16.82 -9.63 11.18
N ARG A 371 17.03 -8.35 11.47
CA ARG A 371 18.21 -7.89 12.18
C ARG A 371 17.82 -7.16 13.45
N TYR A 372 18.75 -7.13 14.42
CA TYR A 372 18.48 -6.64 15.76
C TYR A 372 19.41 -5.48 16.06
N PHE A 373 18.87 -4.44 16.71
CA PHE A 373 19.62 -3.23 16.98
C PHE A 373 19.31 -2.70 18.36
N GLU A 374 20.33 -2.07 18.96
CA GLU A 374 20.18 -1.46 20.26
C GLU A 374 19.21 -0.28 20.21
N PRO A 375 18.18 -0.25 21.05
CA PRO A 375 17.15 0.79 20.92
C PRO A 375 17.59 2.17 21.41
N HIS A 376 18.42 2.26 22.45
CA HIS A 376 18.88 3.57 22.94
C HIS A 376 19.68 4.30 21.86
N GLU A 377 20.57 3.58 21.16
CA GLU A 377 21.30 4.18 20.05
C GLU A 377 20.37 4.49 18.88
N LEU A 378 19.39 3.62 18.63
CA LEU A 378 18.42 3.89 17.56
C LEU A 378 17.73 5.22 17.79
N SER A 379 17.28 5.47 19.02
CA SER A 379 16.67 6.76 19.31
C SER A 379 17.70 7.88 19.28
N ALA A 380 18.96 7.56 19.60
CA ALA A 380 20.03 8.54 19.48
C ALA A 380 20.37 8.87 18.03
N GLY A 381 20.04 8.01 17.09
CA GLY A 381 20.32 8.25 15.68
C GLY A 381 21.26 7.24 15.06
N GLN A 382 21.69 6.22 15.80
CA GLN A 382 22.75 5.32 15.40
C GLN A 382 22.23 3.89 15.42
N ALA A 383 22.50 3.13 14.36
CA ALA A 383 22.18 1.72 14.32
C ALA A 383 23.38 0.88 14.77
N LYS A 384 23.28 0.27 15.96
CA LYS A 384 24.30 -0.63 16.47
C LYS A 384 23.74 -2.04 16.53
N PRO A 385 24.19 -2.95 15.68
CA PRO A 385 23.66 -4.31 15.70
C PRO A 385 23.91 -4.96 17.05
N CYS A 386 22.97 -5.80 17.46
CA CYS A 386 23.10 -6.55 18.71
C CYS A 386 22.66 -7.99 18.47
N ALA A 387 22.71 -8.78 19.53
CA ALA A 387 22.47 -10.21 19.41
C ALA A 387 21.02 -10.49 19.04
N THR A 388 20.80 -11.62 18.37
CA THR A 388 19.46 -12.10 18.06
C THR A 388 18.60 -12.12 19.33
N GLY A 389 17.44 -11.47 19.24
CA GLY A 389 16.51 -11.43 20.34
C GLY A 389 16.64 -10.23 21.24
N ALA A 390 17.81 -9.58 21.27
CA ALA A 390 17.98 -8.35 22.01
C ALA A 390 17.56 -7.16 21.14
N GLY A 391 17.25 -6.05 21.81
CA GLY A 391 16.89 -4.83 21.12
C GLY A 391 15.72 -4.98 20.14
N THR A 392 15.58 -3.94 19.32
CA THR A 392 14.50 -3.87 18.36
C THR A 392 14.84 -4.71 17.14
N ALA A 393 13.81 -5.33 16.56
CA ALA A 393 14.01 -6.13 15.33
C ALA A 393 13.49 -5.37 14.12
N LEU A 394 14.26 -5.37 13.04
CA LEU A 394 13.85 -4.66 11.81
C LEU A 394 14.05 -5.61 10.63
N VAL A 395 13.14 -5.58 9.66
CA VAL A 395 13.25 -6.44 8.45
C VAL A 395 14.40 -5.91 7.59
N SER A 396 15.33 -6.78 7.22
CA SER A 396 16.48 -6.37 6.38
C SER A 396 16.03 -6.29 4.92
N TYR A 397 16.17 -5.12 4.31
CA TYR A 397 15.86 -5.02 2.87
C TYR A 397 17.17 -4.87 2.10
N PRO A 398 17.50 -5.82 1.21
CA PRO A 398 18.70 -5.70 0.38
C PRO A 398 18.69 -4.36 -0.38
N LEU A 399 19.79 -3.61 -0.36
CA LEU A 399 19.84 -2.37 -1.13
C LEU A 399 19.46 -2.68 -2.57
N PRO A 400 18.40 -2.09 -3.10
CA PRO A 400 17.97 -2.48 -4.44
C PRO A 400 18.96 -2.02 -5.50
N GLN A 401 18.98 -2.77 -6.61
CA GLN A 401 19.76 -2.35 -7.77
C GLN A 401 19.09 -1.27 -8.57
N SER A 402 17.78 -1.31 -8.63
CA SER A 402 16.98 -0.39 -9.42
C SER A 402 15.58 -0.38 -8.84
N PRO A 403 15.11 0.73 -8.26
CA PRO A 403 15.76 2.05 -8.12
C PRO A 403 16.92 2.00 -7.14
N ILE A 404 17.66 3.09 -6.95
CA ILE A 404 18.70 3.13 -5.94
C ILE A 404 18.22 3.96 -4.75
N VAL A 405 18.59 3.51 -3.55
CA VAL A 405 18.25 4.14 -2.28
C VAL A 405 19.50 4.76 -1.69
N ARG A 406 19.36 5.94 -1.06
CA ARG A 406 20.42 6.53 -0.26
C ARG A 406 19.85 7.08 1.04
N ILE A 407 20.68 7.08 2.08
CA ILE A 407 20.32 7.64 3.38
C ILE A 407 20.97 9.01 3.51
N VAL A 408 20.15 10.07 3.60
CA VAL A 408 20.61 11.43 3.42
C VAL A 408 20.15 12.29 4.60
N ASP A 409 21.04 13.14 5.09
CA ASP A 409 20.67 14.10 6.14
C ASP A 409 19.70 15.12 5.56
N PRO A 410 18.45 15.18 6.03
CA PRO A 410 17.49 16.13 5.46
C PRO A 410 17.85 17.59 5.67
N ASN A 411 18.74 17.90 6.61
CA ASN A 411 19.14 19.28 6.87
C ASN A 411 20.36 19.74 6.08
N THR A 412 21.19 18.81 5.58
CA THR A 412 22.37 19.20 4.82
C THR A 412 22.41 18.62 3.42
N ASN A 413 21.47 17.76 3.04
CA ASN A 413 21.38 17.22 1.68
C ASN A 413 22.61 16.39 1.32
N THR A 414 23.23 15.78 2.33
CA THR A 414 24.44 14.99 2.17
C THR A 414 24.19 13.59 2.71
N GLU A 415 24.78 12.59 2.05
CA GLU A 415 24.58 11.21 2.50
C GLU A 415 25.11 11.03 3.92
N CYS A 416 24.49 10.08 4.63
CA CYS A 416 24.79 9.61 5.98
C CYS A 416 25.79 8.46 5.90
N PRO A 417 26.79 8.44 6.78
CA PRO A 417 27.63 7.24 6.89
C PRO A 417 26.78 6.05 7.32
N PRO A 418 27.12 4.85 6.84
CA PRO A 418 26.42 3.63 7.30
C PRO A 418 26.16 3.60 8.80
N GLY A 419 24.97 3.14 9.18
CA GLY A 419 24.60 3.08 10.57
C GLY A 419 24.03 4.36 11.13
N THR A 420 24.13 5.47 10.39
CA THR A 420 23.57 6.74 10.82
C THR A 420 22.20 6.91 10.16
N ILE A 421 21.21 7.27 10.95
CA ILE A 421 19.83 7.33 10.48
C ILE A 421 19.59 8.67 9.79
N GLY A 422 19.01 8.63 8.60
CA GLY A 422 18.57 9.83 7.92
C GLY A 422 17.32 9.57 7.11
N GLU A 423 17.08 10.39 6.09
CA GLU A 423 15.92 10.23 5.23
C GLU A 423 16.25 9.35 4.04
N ILE A 424 15.32 8.46 3.70
CA ILE A 424 15.47 7.64 2.50
C ILE A 424 15.19 8.49 1.27
N TRP A 425 16.14 8.51 0.35
CA TRP A 425 16.02 9.18 -0.93
C TRP A 425 16.09 8.10 -2.01
N VAL A 426 15.34 8.31 -3.10
CA VAL A 426 15.18 7.30 -4.13
C VAL A 426 15.44 7.93 -5.49
N HIS A 427 16.21 7.23 -6.32
CA HIS A 427 16.47 7.65 -7.69
C HIS A 427 16.18 6.49 -8.64
N GLY A 428 15.55 6.79 -9.76
CA GLY A 428 15.26 5.79 -10.76
C GLY A 428 14.12 6.20 -11.66
N ASP A 429 14.01 5.48 -12.79
CA ASP A 429 13.03 5.81 -13.82
C ASP A 429 11.60 5.49 -13.41
N ASN A 430 11.39 4.79 -12.31
CA ASN A 430 10.06 4.60 -11.76
C ASN A 430 9.61 5.78 -10.91
N VAL A 431 10.52 6.68 -10.56
CA VAL A 431 10.14 7.86 -9.78
C VAL A 431 9.34 8.80 -10.67
N ALA A 432 8.17 9.20 -10.18
CA ALA A 432 7.25 10.05 -10.92
C ALA A 432 7.88 11.42 -11.21
N GLY A 433 7.35 12.07 -12.24
CA GLY A 433 7.85 13.39 -12.62
C GLY A 433 7.34 14.55 -11.80
N GLY A 434 6.34 14.34 -10.94
CA GLY A 434 5.84 15.38 -10.09
C GLY A 434 4.39 15.16 -9.70
N TYR A 435 3.83 16.17 -9.04
CA TYR A 435 2.42 16.24 -8.70
C TYR A 435 1.69 17.09 -9.71
N TRP A 436 0.50 16.64 -10.12
CA TRP A 436 -0.27 17.34 -11.15
C TRP A 436 -0.53 18.80 -10.78
N GLU A 437 -0.02 19.69 -11.62
CA GLU A 437 -0.20 21.15 -11.51
C GLU A 437 0.27 21.72 -10.18
N LYS A 438 1.23 21.08 -9.52
CA LYS A 438 1.79 21.57 -8.26
C LYS A 438 3.30 21.72 -8.41
N PRO A 439 3.77 22.79 -9.06
CA PRO A 439 5.22 22.90 -9.35
C PRO A 439 6.08 23.02 -8.09
N ASP A 440 5.63 23.80 -7.11
CA ASP A 440 6.41 23.97 -5.87
C ASP A 440 6.48 22.68 -5.07
N GLU A 441 5.34 22.03 -4.86
CA GLU A 441 5.35 20.80 -4.09
C GLU A 441 6.15 19.72 -4.81
N THR A 442 6.04 19.69 -6.14
CA THR A 442 6.91 18.82 -6.94
C THR A 442 8.37 19.11 -6.65
N GLU A 443 8.76 20.38 -6.64
CA GLU A 443 10.16 20.70 -6.43
C GLU A 443 10.62 20.26 -5.05
N ARG A 444 9.76 20.38 -4.04
CA ARG A 444 10.17 20.04 -2.68
C ARG A 444 10.19 18.54 -2.44
N THR A 445 9.39 17.77 -3.15
CA THR A 445 9.35 16.33 -2.90
C THR A 445 10.21 15.53 -3.87
N PHE A 446 10.34 15.98 -5.12
CA PHE A 446 11.08 15.26 -6.14
C PHE A 446 12.42 15.89 -6.49
N GLY A 447 12.70 17.09 -6.01
CA GLY A 447 13.91 17.79 -6.42
C GLY A 447 15.08 17.64 -5.47
N GLY A 448 15.18 16.52 -4.78
CA GLY A 448 16.33 16.27 -3.95
C GLY A 448 17.62 16.28 -4.76
N ALA A 449 18.57 17.12 -4.37
CA ALA A 449 19.89 17.15 -4.98
C ALA A 449 20.95 16.81 -3.95
N LEU A 450 21.84 15.88 -4.30
CA LEU A 450 22.86 15.43 -3.36
C LEU A 450 24.09 16.31 -3.50
N VAL A 451 24.55 16.88 -2.38
CA VAL A 451 25.76 17.71 -2.36
C VAL A 451 26.96 16.81 -2.15
N ALA A 452 28.00 17.01 -2.97
CA ALA A 452 29.20 16.18 -3.05
C ALA A 452 28.85 14.68 -2.98
N PRO A 453 28.11 14.15 -3.95
CA PRO A 453 27.68 12.75 -3.87
C PRO A 453 28.85 11.79 -3.75
N SER A 454 28.58 10.64 -3.14
CA SER A 454 29.56 9.56 -3.08
C SER A 454 29.77 8.94 -4.47
N ALA A 455 30.87 8.21 -4.60
CA ALA A 455 31.28 7.70 -5.90
C ALA A 455 30.22 6.76 -6.46
N GLY A 456 29.71 7.09 -7.65
CA GLY A 456 28.71 6.28 -8.30
C GLY A 456 27.29 6.69 -8.01
N THR A 457 27.09 7.84 -7.38
CA THR A 457 25.77 8.28 -6.95
C THR A 457 25.36 9.50 -7.75
N PRO A 458 24.22 9.47 -8.44
CA PRO A 458 23.77 10.65 -9.18
C PRO A 458 23.50 11.82 -8.25
N VAL A 459 23.64 13.03 -8.81
CA VAL A 459 23.37 14.23 -8.03
C VAL A 459 21.87 14.43 -7.86
N GLY A 460 21.06 14.05 -8.85
CA GLY A 460 19.62 14.19 -8.77
C GLY A 460 18.92 13.79 -10.05
N PRO A 461 17.59 13.99 -10.13
CA PRO A 461 16.67 14.39 -9.04
C PRO A 461 16.48 13.23 -8.08
N TRP A 462 16.36 13.50 -6.78
CA TRP A 462 16.05 12.46 -5.80
C TRP A 462 14.64 12.67 -5.27
N LEU A 463 13.93 11.55 -5.05
CA LEU A 463 12.63 11.59 -4.43
C LEU A 463 12.81 11.50 -2.93
N ARG A 464 12.41 12.56 -2.22
CA ARG A 464 12.48 12.56 -0.77
C ARG A 464 11.24 11.87 -0.23
N THR A 465 11.43 10.74 0.45
CA THR A 465 10.29 9.87 0.75
C THR A 465 9.54 10.32 1.98
N GLY A 466 10.17 11.12 2.84
CA GLY A 466 9.65 11.39 4.16
C GLY A 466 9.84 10.28 5.15
N ASP A 467 10.54 9.20 4.77
CA ASP A 467 10.74 8.07 5.65
C ASP A 467 12.17 8.08 6.17
N SER A 468 12.30 7.64 7.41
CA SER A 468 13.55 7.55 8.15
C SER A 468 14.01 6.11 8.09
N GLY A 469 15.32 5.94 7.87
CA GLY A 469 15.94 4.63 7.70
C GLY A 469 17.45 4.78 7.80
N PHE A 470 18.12 3.64 7.63
CA PHE A 470 19.57 3.60 7.69
C PHE A 470 20.06 2.40 6.88
N VAL A 471 21.38 2.37 6.67
CA VAL A 471 22.04 1.27 6.00
C VAL A 471 22.91 0.55 7.01
N SER A 472 22.81 -0.78 7.01
CA SER A 472 23.67 -1.65 7.81
C SER A 472 24.08 -2.82 6.94
N GLU A 473 25.37 -3.11 6.94
CA GLU A 473 25.98 -4.10 6.06
C GLU A 473 25.64 -3.66 4.63
N ASP A 474 25.14 -4.53 3.76
CA ASP A 474 24.65 -4.09 2.47
C ASP A 474 23.12 -4.14 2.38
N LYS A 475 22.42 -4.10 3.52
CA LYS A 475 20.97 -3.95 3.60
C LYS A 475 20.62 -2.58 4.16
N PHE A 476 19.45 -2.09 3.75
CA PHE A 476 18.90 -0.90 4.36
C PHE A 476 17.59 -1.23 5.07
N PHE A 477 17.21 -0.33 5.97
CA PHE A 477 16.17 -0.58 6.95
C PHE A 477 15.28 0.64 7.00
N ILE A 478 14.01 0.43 7.30
CA ILE A 478 13.05 1.52 7.32
C ILE A 478 12.58 1.68 8.75
N ILE A 479 12.79 2.87 9.31
CA ILE A 479 12.35 3.12 10.67
C ILE A 479 10.89 3.51 10.65
N GLY A 480 10.57 4.48 9.81
CA GLY A 480 9.18 4.89 9.69
C GLY A 480 9.05 6.30 9.16
N ARG A 481 7.81 6.74 9.10
CA ARG A 481 7.49 8.07 8.62
C ARG A 481 7.97 9.12 9.61
N ILE A 482 8.69 10.13 9.10
CA ILE A 482 9.39 11.07 9.98
C ILE A 482 8.39 11.92 10.74
N LYS A 483 7.34 12.37 10.05
CA LYS A 483 6.33 13.23 10.67
C LYS A 483 5.64 12.53 11.84
N ASP A 484 5.60 11.21 11.84
CA ASP A 484 5.00 10.45 12.93
C ASP A 484 5.93 10.24 14.12
N LEU A 485 7.20 10.64 14.02
CA LEU A 485 8.15 10.34 15.08
C LEU A 485 7.85 11.14 16.35
N LEU A 486 8.22 10.56 17.49
CA LEU A 486 8.07 11.18 18.79
C LEU A 486 9.46 11.61 19.27
N ILE A 487 9.70 12.91 19.27
CA ILE A 487 10.97 13.46 19.71
C ILE A 487 10.81 13.90 21.16
N VAL A 488 11.66 13.34 22.02
CA VAL A 488 11.63 13.65 23.46
C VAL A 488 13.07 13.78 23.93
N TYR A 489 13.42 14.97 24.44
CA TYR A 489 14.78 15.30 24.87
C TYR A 489 15.78 14.93 23.78
N GLY A 490 15.51 15.42 22.57
CA GLY A 490 16.42 15.22 21.47
C GLY A 490 16.49 13.79 20.93
N ARG A 491 15.79 12.86 21.56
CA ARG A 491 15.73 11.49 21.08
C ARG A 491 14.52 11.27 20.19
N ASN A 492 14.60 10.24 19.32
CA ASN A 492 13.55 9.96 18.34
C ASN A 492 13.01 8.56 18.56
N HIS A 493 11.72 8.46 18.85
CA HIS A 493 11.03 7.19 19.06
C HIS A 493 10.05 6.95 17.91
N SER A 494 10.04 5.72 17.39
CA SER A 494 9.14 5.48 16.26
C SER A 494 7.78 5.01 16.74
N PRO A 495 6.68 5.56 16.24
CA PRO A 495 5.35 5.12 16.71
C PRO A 495 5.04 3.67 16.37
N ASP A 496 5.65 3.10 15.33
CA ASP A 496 5.41 1.68 15.06
C ASP A 496 5.95 0.78 16.16
N ASP A 497 7.05 1.17 16.81
CA ASP A 497 7.59 0.36 17.88
C ASP A 497 6.78 0.51 19.16
N ILE A 498 6.31 1.73 19.42
CA ILE A 498 5.48 1.97 20.60
C ILE A 498 4.17 1.20 20.47
N GLU A 499 3.54 1.28 19.29
CA GLU A 499 2.28 0.59 19.09
C GLU A 499 2.44 -0.92 19.09
N ALA A 500 3.57 -1.43 18.59
CA ALA A 500 3.82 -2.86 18.71
C ALA A 500 3.95 -3.29 20.16
N THR A 501 4.51 -2.43 21.01
CA THR A 501 4.53 -2.71 22.44
C THR A 501 3.12 -2.74 23.02
N ILE A 502 2.31 -1.75 22.67
CA ILE A 502 0.97 -1.66 23.29
C ILE A 502 0.09 -2.82 22.82
N GLN A 503 0.13 -3.14 21.52
CA GLN A 503 -0.76 -4.14 20.94
C GLN A 503 -0.66 -5.47 21.66
N GLU A 504 0.56 -5.95 21.92
CA GLU A 504 0.73 -7.27 22.54
C GLU A 504 -0.09 -7.37 23.80
N ILE A 505 -0.29 -6.26 24.49
CA ILE A 505 -1.00 -6.26 25.74
C ILE A 505 -2.50 -6.15 25.49
N THR A 506 -2.87 -5.28 24.55
CA THR A 506 -4.27 -5.02 24.28
C THR A 506 -4.87 -5.98 23.27
N ARG A 507 -4.09 -6.43 22.28
CA ARG A 507 -4.57 -7.27 21.18
C ARG A 507 -5.56 -6.51 20.31
N GLY A 508 -5.47 -5.18 20.31
CA GLY A 508 -6.34 -4.38 19.51
C GLY A 508 -5.59 -3.35 18.70
N ARG A 509 -6.31 -2.40 18.13
CA ARG A 509 -5.65 -1.38 17.34
C ARG A 509 -5.10 -0.29 18.26
N CYS A 510 -4.06 0.40 17.78
CA CYS A 510 -3.41 1.44 18.55
C CYS A 510 -3.11 2.63 17.66
N ALA A 511 -2.73 3.74 18.29
CA ALA A 511 -1.98 4.80 17.62
C ALA A 511 -1.18 5.57 18.65
N ALA A 512 0.15 5.53 18.54
CA ALA A 512 1.04 6.33 19.37
C ALA A 512 1.34 7.63 18.63
N ILE A 513 0.84 8.75 19.15
CA ILE A 513 0.93 10.02 18.46
C ILE A 513 1.67 11.02 19.35
N ALA A 514 2.06 12.13 18.73
CA ALA A 514 2.81 13.19 19.38
C ALA A 514 1.96 14.45 19.39
N VAL A 515 1.65 14.95 20.57
CA VAL A 515 0.84 16.14 20.75
C VAL A 515 1.74 17.24 21.29
N PRO A 516 1.98 18.32 20.53
CA PRO A 516 2.86 19.39 21.03
C PRO A 516 2.19 20.15 22.17
N SER A 517 3.00 20.54 23.14
CA SER A 517 2.53 21.26 24.31
C SER A 517 3.70 22.07 24.88
N ASN A 518 3.54 23.40 24.84
CA ASN A 518 4.50 24.35 25.40
C ASN A 518 5.93 23.96 25.03
N GLY A 519 6.14 23.72 23.75
CA GLY A 519 7.48 23.63 23.21
C GLY A 519 8.04 22.23 23.10
N VAL A 520 7.32 21.19 23.57
CA VAL A 520 7.81 19.83 23.42
C VAL A 520 6.69 18.97 22.83
N GLU A 521 7.05 17.73 22.50
CA GLU A 521 6.08 16.72 22.08
C GLU A 521 5.74 15.86 23.30
N LYS A 522 4.45 15.60 23.50
CA LYS A 522 3.96 14.70 24.53
C LYS A 522 3.40 13.45 23.88
N LEU A 523 3.59 12.30 24.55
CA LEU A 523 3.17 11.01 24.01
C LEU A 523 1.70 10.76 24.36
N VAL A 524 0.88 10.45 23.36
CA VAL A 524 -0.51 10.07 23.59
C VAL A 524 -0.78 8.77 22.86
N ALA A 525 -1.49 7.85 23.51
CA ALA A 525 -1.79 6.55 22.90
C ALA A 525 -3.30 6.35 22.83
N ILE A 526 -3.82 6.24 21.62
CA ILE A 526 -5.23 5.90 21.41
C ILE A 526 -5.31 4.38 21.31
N VAL A 527 -6.10 3.76 22.19
CA VAL A 527 -6.06 2.31 22.39
C VAL A 527 -7.47 1.74 22.31
N GLU A 528 -7.71 0.89 21.31
CA GLU A 528 -8.98 0.19 21.15
C GLU A 528 -9.04 -1.05 22.05
N LEU A 529 -10.04 -1.12 22.93
CA LEU A 529 -10.25 -2.25 23.81
C LEU A 529 -11.63 -2.86 23.56
N ASN A 530 -11.75 -4.16 23.81
CA ASN A 530 -13.05 -4.82 23.73
C ASN A 530 -13.96 -4.30 24.85
N ASN A 531 -15.26 -4.28 24.57
CA ASN A 531 -16.16 -3.43 25.34
C ASN A 531 -17.07 -4.28 26.19
N ASP A 536 -15.22 -3.98 33.34
CA ASP A 536 -15.61 -3.11 34.45
C ASP A 536 -14.55 -2.04 34.70
N THR A 537 -14.75 -1.28 35.78
CA THR A 537 -13.88 -0.14 36.07
C THR A 537 -12.55 -0.55 36.70
N GLU A 538 -12.44 -1.77 37.24
CA GLU A 538 -11.13 -2.28 37.64
C GLU A 538 -10.36 -2.79 36.42
N ARG A 539 -11.02 -3.56 35.55
CA ARG A 539 -10.36 -4.14 34.38
C ARG A 539 -9.71 -3.05 33.53
N LEU A 540 -10.39 -1.90 33.39
CA LEU A 540 -9.81 -0.73 32.75
C LEU A 540 -8.55 -0.29 33.48
N SER A 541 -8.56 -0.27 34.81
CA SER A 541 -7.38 0.14 35.56
C SER A 541 -6.24 -0.84 35.33
N PHE A 542 -6.57 -2.14 35.26
CA PHE A 542 -5.57 -3.15 34.95
C PHE A 542 -4.90 -2.88 33.61
N VAL A 543 -5.68 -2.53 32.60
CA VAL A 543 -5.08 -2.35 31.28
C VAL A 543 -4.28 -1.05 31.25
N THR A 544 -4.84 0.03 31.81
CA THR A 544 -4.11 1.29 31.83
C THR A 544 -2.77 1.16 32.54
N ARG A 545 -2.74 0.54 33.72
CA ARG A 545 -1.45 0.42 34.40
C ARG A 545 -0.52 -0.54 33.69
N GLU A 546 -1.06 -1.60 33.07
CA GLU A 546 -0.22 -2.52 32.31
C GLU A 546 0.45 -1.81 31.14
N VAL A 547 -0.35 -1.17 30.30
CA VAL A 547 0.19 -0.51 29.11
C VAL A 547 1.16 0.60 29.49
N THR A 548 0.77 1.42 30.47
CA THR A 548 1.66 2.49 30.93
C THR A 548 3.01 1.93 31.35
N SER A 549 3.00 0.83 32.12
CA SER A 549 4.26 0.21 32.54
C SER A 549 5.02 -0.37 31.35
N ALA A 550 4.31 -0.98 30.40
CA ALA A 550 4.98 -1.57 29.24
C ALA A 550 5.68 -0.50 28.40
N ILE A 551 5.08 0.68 28.25
CA ILE A 551 5.77 1.74 27.53
C ILE A 551 6.90 2.31 28.39
N SER A 552 6.72 2.36 29.70
CA SER A 552 7.79 2.86 30.55
C SER A 552 9.02 1.99 30.42
N THR A 553 8.87 0.69 30.64
CA THR A 553 10.03 -0.20 30.70
C THR A 553 10.60 -0.46 29.30
N SER A 554 9.76 -0.57 28.28
CA SER A 554 10.29 -0.90 26.96
C SER A 554 10.78 0.32 26.19
N HIS A 555 10.44 1.54 26.61
CA HIS A 555 10.81 2.72 25.83
C HIS A 555 11.38 3.87 26.66
N GLY A 556 11.24 3.84 27.98
CA GLY A 556 11.67 4.97 28.79
C GLY A 556 10.81 6.19 28.61
N LEU A 557 9.56 6.00 28.22
CA LEU A 557 8.64 7.09 27.93
C LEU A 557 7.53 7.11 28.97
N SER A 558 7.10 8.31 29.34
CA SER A 558 5.92 8.45 30.17
C SER A 558 4.74 8.75 29.26
N VAL A 559 3.67 7.99 29.43
CA VAL A 559 2.45 8.21 28.67
C VAL A 559 1.71 9.37 29.31
N SER A 560 1.53 10.44 28.54
CA SER A 560 0.81 11.59 29.08
C SER A 560 -0.70 11.40 29.00
N ASP A 561 -1.20 10.62 28.05
CA ASP A 561 -2.62 10.33 28.04
C ASP A 561 -2.85 9.00 27.35
N LEU A 562 -3.58 8.11 28.03
CA LEU A 562 -4.02 6.85 27.46
C LEU A 562 -5.52 6.97 27.24
N VAL A 563 -5.92 6.97 25.97
CA VAL A 563 -7.31 7.17 25.60
C VAL A 563 -7.85 5.79 25.20
N LEU A 564 -8.57 5.16 26.12
CA LEU A 564 -9.20 3.88 25.87
C LEU A 564 -10.47 4.14 25.07
N VAL A 565 -10.48 3.73 23.81
CA VAL A 565 -11.62 3.99 22.93
C VAL A 565 -12.20 2.67 22.47
N ALA A 566 -13.44 2.74 21.96
CA ALA A 566 -14.13 1.54 21.49
C ALA A 566 -13.48 1.03 20.22
N PRO A 567 -13.71 -0.22 19.87
CA PRO A 567 -13.25 -0.71 18.57
C PRO A 567 -13.87 0.08 17.42
N GLY A 568 -13.02 0.46 16.46
CA GLY A 568 -13.42 1.23 15.29
C GLY A 568 -13.27 2.72 15.45
N SER A 569 -12.82 3.19 16.62
CA SER A 569 -12.74 4.62 16.88
C SER A 569 -11.52 5.26 16.25
N ILE A 570 -10.41 4.54 16.17
CA ILE A 570 -9.21 5.11 15.54
C ILE A 570 -9.44 5.19 14.04
N PRO A 571 -9.13 6.31 13.37
CA PRO A 571 -9.29 6.36 11.92
C PRO A 571 -8.34 5.39 11.23
N ILE A 572 -8.92 4.45 10.48
CA ILE A 572 -8.15 3.53 9.64
C ILE A 572 -8.74 3.63 8.24
N THR A 573 -7.94 3.28 7.25
CA THR A 573 -8.44 3.18 5.90
C THR A 573 -8.82 1.72 5.62
N THR A 574 -9.35 1.47 4.43
CA THR A 574 -9.52 0.09 3.98
C THR A 574 -8.17 -0.57 3.74
N SER A 575 -7.16 0.22 3.38
CA SER A 575 -5.80 -0.25 3.17
C SER A 575 -4.77 0.48 4.02
N GLY A 576 -5.16 1.55 4.72
CA GLY A 576 -4.27 2.23 5.65
C GLY A 576 -4.39 1.71 7.06
N LYS A 577 -3.24 1.42 7.68
CA LYS A 577 -3.25 0.85 9.03
C LYS A 577 -3.84 1.81 10.06
N VAL A 578 -3.26 3.01 10.18
CA VAL A 578 -3.74 4.05 11.08
C VAL A 578 -3.32 5.39 10.51
N ARG A 579 -4.21 6.38 10.60
CA ARG A 579 -3.88 7.74 10.19
C ARG A 579 -3.51 8.53 11.44
N ARG A 580 -2.26 8.37 11.87
CA ARG A 580 -1.80 9.07 13.07
C ARG A 580 -1.90 10.59 12.92
N ALA A 581 -1.92 11.09 11.68
CA ALA A 581 -2.23 12.50 11.44
C ALA A 581 -3.62 12.84 11.97
N GLU A 582 -4.62 12.02 11.65
CA GLU A 582 -6.00 12.33 12.01
C GLU A 582 -6.20 12.20 13.51
N CYS A 583 -5.58 11.19 14.12
CA CYS A 583 -5.65 11.01 15.57
C CYS A 583 -5.26 12.27 16.32
N VAL A 584 -4.19 12.96 15.87
CA VAL A 584 -3.69 14.11 16.61
C VAL A 584 -4.74 15.20 16.70
N LYS A 585 -5.40 15.53 15.58
CA LYS A 585 -6.38 16.59 15.64
C LYS A 585 -7.76 16.13 16.12
N LEU A 586 -8.10 14.84 15.99
CA LEU A 586 -9.25 14.31 16.72
C LEU A 586 -9.06 14.43 18.23
N TYR A 587 -7.83 14.22 18.69
CA TYR A 587 -7.54 14.29 20.11
C TYR A 587 -7.48 15.74 20.58
N ARG A 588 -6.97 16.62 19.73
CA ARG A 588 -6.88 18.02 20.13
C ARG A 588 -8.25 18.67 20.18
N HIS A 589 -9.15 18.28 19.29
CA HIS A 589 -10.53 18.76 19.30
C HIS A 589 -11.46 17.84 20.08
N ASN A 590 -10.90 17.01 20.99
CA ASN A 590 -11.66 16.25 21.98
C ASN A 590 -12.80 15.47 21.34
N GLU A 591 -12.53 14.84 20.20
CA GLU A 591 -13.54 14.07 19.47
C GLU A 591 -13.51 12.57 19.82
N PHE A 592 -12.78 12.17 20.86
CA PHE A 592 -12.74 10.78 21.31
C PHE A 592 -13.63 10.57 22.53
N THR A 593 -14.31 9.42 22.56
CA THR A 593 -15.08 9.00 23.73
C THR A 593 -14.38 7.83 24.42
N ARG A 594 -14.09 7.99 25.71
CA ARG A 594 -13.36 6.99 26.48
C ARG A 594 -14.32 6.04 27.20
N LEU A 595 -13.84 4.82 27.44
CA LEU A 595 -14.57 3.79 28.18
C LEU A 595 -14.50 3.95 29.69
N ASP A 596 -13.60 4.78 30.22
CA ASP A 596 -13.46 4.97 31.66
C ASP A 596 -13.98 6.33 32.13
N ALA A 597 -14.68 7.05 31.28
CA ALA A 597 -15.29 8.33 31.67
C ALA A 597 -16.69 8.11 32.23
C15 649 B . 4.17 0.39 -1.19
C16 649 B . 2.89 1.13 -1.52
C13 649 B . 5.42 -1.86 -1.75
C17 649 B . 2.61 2.40 -0.59
C11 649 B . 3.96 -3.11 -3.48
C10 649 B . 3.95 -3.96 -4.81
C2 649 B . 4.40 -9.36 -10.40
C1 649 B . 5.12 -8.18 -10.25
C6 649 B . 4.53 -7.07 -9.67
C5 649 B . 3.21 -7.13 -9.22
C4 649 B . 2.50 -8.32 -9.37
C3 649 B . 3.08 -9.42 -9.94
O2 649 B . 2.84 2.32 0.55
C14 649 B . 4.06 -1.14 -1.45
C12 649 B . 5.40 -2.63 -3.05
C9 649 B . 2.68 -3.61 -5.71
C8 649 B . 2.09 -4.75 -6.61
C7 649 B . 3.16 -5.56 -7.38
O1 649 B . 2.60 -6.00 -8.63
N6 649 B . 2.06 3.64 -1.17
S 649 B . 1.70 5.11 -0.27
O4 649 B . 0.23 5.33 -0.16
O3 649 B . 2.13 6.34 -1.04
O5 649 B . 2.44 5.12 1.24
C18 649 B . 3.88 5.26 1.21
C19 649 B . 4.42 5.22 2.64
O6 649 B . 4.00 3.84 3.36
C22 649 B . 4.98 3.51 4.14
C21 649 B . 6.09 4.57 3.95
O7 649 B . 6.05 5.48 4.97
C20 649 B . 5.71 5.21 2.60
O8 649 B . 6.24 6.60 2.48
N1 649 B . 5.51 2.15 3.80
C25 649 B . 6.32 1.38 4.57
N3 649 B . 6.87 1.57 5.79
C26 649 B . 7.65 0.64 6.35
N4 649 B . 7.92 -0.52 5.73
C27 649 B . 7.40 -0.77 4.51
N5 649 B . 7.70 -2.06 3.81
C24 649 B . 6.57 0.19 3.88
N2 649 B . 5.90 0.28 2.70
C23 649 B . 5.26 1.47 2.66
#